data_6X9P
#
_entry.id   6X9P
#
_cell.length_a   45.220
_cell.length_b   50.530
_cell.length_c   79.470
_cell.angle_alpha   90.000
_cell.angle_beta   90.000
_cell.angle_gamma   90.000
#
_symmetry.space_group_name_H-M   'P 21 21 21'
#
loop_
_entity.id
_entity.type
_entity.pdbx_description
1 polymer 'Antifreeze protein'
2 non-polymer 2-deoxy-beta-D-ribopyranose
3 non-polymer 'CALCIUM ION'
4 non-polymer 1,2-ETHANEDIOL
5 water water
#
_entity_poly.entity_id   1
_entity_poly.type   'polypeptide(L)'
_entity_poly.pdbx_seq_one_letter_code
;KAQDDSTPDSLFAGLVGEYYGTNSQLNNISDFRALVDSKEADATFEAANISYGRGSSDVAKGTHLQEFLGSDASTLSTDP
GDNTDGGIYLQGYVYLEAGTYNFKVTADDGYEITINGNPVATVDNNQSVYTVTHASFTISESGYQAIDMIWWDQGGDYVF
QPTLSADGGSTYFVLDSAILSSTGETPYTT
;
_entity_poly.pdbx_strand_id   A
#
loop_
_chem_comp.id
_chem_comp.type
_chem_comp.name
_chem_comp.formula
CA non-polymer 'CALCIUM ION' 'Ca 2'
EDO non-polymer 1,2-ETHANEDIOL 'C2 H6 O2'
UZJ non-polymer 2-deoxy-beta-D-ribopyranose 'C5 H10 O4'
#
# COMPACT_ATOMS: atom_id res chain seq x y z
N PRO A 8 12.33 19.78 -6.31
CA PRO A 8 13.08 18.58 -5.94
C PRO A 8 12.27 17.63 -5.06
N ASP A 9 12.22 16.35 -5.32
CA ASP A 9 11.48 15.31 -4.60
C ASP A 9 12.41 14.59 -3.63
N SER A 10 11.93 14.27 -2.45
CA SER A 10 12.72 13.61 -1.43
CA SER A 10 12.85 13.67 -1.51
C SER A 10 13.16 12.23 -1.89
N LEU A 11 14.43 11.88 -1.66
CA LEU A 11 14.95 10.55 -1.90
C LEU A 11 15.01 9.80 -0.57
N PHE A 12 14.22 8.72 -0.48
CA PHE A 12 14.22 7.89 0.72
C PHE A 12 13.97 6.45 0.26
N ALA A 13 14.24 5.51 1.18
CA ALA A 13 14.11 4.10 0.91
C ALA A 13 12.68 3.68 1.28
N GLY A 14 11.75 4.01 0.39
CA GLY A 14 10.33 3.78 0.61
C GLY A 14 9.56 4.28 -0.58
N LEU A 15 8.23 4.07 -0.53
CA LEU A 15 7.32 4.65 -1.50
C LEU A 15 6.74 5.96 -0.96
N VAL A 16 6.40 6.86 -1.87
CA VAL A 16 5.67 8.07 -1.52
C VAL A 16 4.25 7.69 -1.12
N GLY A 17 3.85 8.01 0.10
CA GLY A 17 2.54 7.65 0.61
C GLY A 17 1.62 8.84 0.74
N GLU A 18 0.35 8.64 0.37
CA GLU A 18 -0.73 9.59 0.58
C GLU A 18 -1.90 8.87 1.22
N TYR A 19 -2.49 9.52 2.21
CA TYR A 19 -3.70 9.04 2.87
C TYR A 19 -4.85 9.97 2.52
N TYR A 20 -6.01 9.36 2.22
CA TYR A 20 -7.26 10.07 1.94
C TYR A 20 -8.38 9.51 2.78
N GLY A 21 -9.12 10.39 3.45
CA GLY A 21 -10.32 10.01 4.17
C GLY A 21 -11.57 10.56 3.51
N THR A 22 -12.72 9.95 3.82
CA THR A 22 -14.01 10.39 3.28
C THR A 22 -15.13 9.92 4.20
N ASN A 23 -16.28 10.59 4.10
CA ASN A 23 -17.49 10.17 4.79
C ASN A 23 -18.51 9.56 3.83
N SER A 24 -18.09 9.29 2.59
CA SER A 24 -18.81 8.47 1.65
C SER A 24 -18.31 7.03 1.72
N GLN A 25 -19.10 6.12 1.17
CA GLN A 25 -18.76 4.71 1.20
C GLN A 25 -17.77 4.36 0.11
N LEU A 26 -16.72 3.62 0.48
CA LEU A 26 -15.80 3.01 -0.46
C LEU A 26 -16.17 1.56 -0.67
N ASN A 27 -16.65 1.21 -1.87
CA ASN A 27 -17.06 -0.16 -2.18
C ASN A 27 -16.07 -0.92 -3.06
N ASN A 28 -15.17 -0.23 -3.74
CA ASN A 28 -14.35 -0.85 -4.77
C ASN A 28 -13.20 0.08 -5.12
N ILE A 29 -12.34 -0.42 -6.01
CA ILE A 29 -11.13 0.32 -6.39
C ILE A 29 -11.49 1.65 -7.02
N SER A 30 -12.51 1.65 -7.90
CA SER A 30 -12.94 2.88 -8.57
C SER A 30 -13.31 3.96 -7.56
N ASP A 31 -14.02 3.60 -6.49
CA ASP A 31 -14.42 4.58 -5.50
C ASP A 31 -13.19 5.20 -4.84
N PHE A 32 -12.20 4.39 -4.49
CA PHE A 32 -11.02 4.94 -3.82
C PHE A 32 -10.20 5.80 -4.80
N ARG A 33 -10.03 5.34 -6.03
CA ARG A 33 -9.29 6.16 -7.00
C ARG A 33 -10.00 7.49 -7.24
N ALA A 34 -11.34 7.49 -7.27
CA ALA A 34 -12.05 8.75 -7.43
C ALA A 34 -11.82 9.67 -6.24
N LEU A 35 -11.73 9.11 -5.03
CA LEU A 35 -11.42 9.93 -3.85
C LEU A 35 -10.05 10.59 -4.02
N VAL A 36 -9.04 9.81 -4.42
CA VAL A 36 -7.70 10.35 -4.64
C VAL A 36 -7.75 11.51 -5.64
N ASP A 37 -8.52 11.34 -6.73
CA ASP A 37 -8.63 12.37 -7.77
C ASP A 37 -9.30 13.64 -7.26
N SER A 38 -10.13 13.54 -6.22
CA SER A 38 -11.04 14.61 -5.86
C SER A 38 -10.44 15.72 -5.02
N LYS A 39 -9.25 15.54 -4.43
CA LYS A 39 -8.73 16.52 -3.48
C LYS A 39 -7.26 16.24 -3.25
N GLU A 40 -6.61 17.14 -2.52
CA GLU A 40 -5.26 16.90 -2.03
C GLU A 40 -5.29 15.87 -0.91
N ALA A 41 -4.19 15.15 -0.74
CA ALA A 41 -4.10 14.14 0.30
C ALA A 41 -4.38 14.77 1.67
N ASP A 42 -5.06 14.02 2.52
CA ASP A 42 -5.26 14.44 3.90
C ASP A 42 -3.98 14.33 4.71
N ALA A 43 -3.07 13.45 4.32
CA ALA A 43 -1.73 13.40 4.93
C ALA A 43 -0.80 12.71 3.94
N THR A 44 0.49 13.02 4.04
CA THR A 44 1.52 12.29 3.31
C THR A 44 2.44 11.59 4.30
N PHE A 45 3.17 10.59 3.82
CA PHE A 45 4.07 9.82 4.66
C PHE A 45 5.05 9.07 3.77
N GLU A 46 6.09 8.52 4.38
CA GLU A 46 7.06 7.66 3.71
C GLU A 46 6.70 6.21 4.02
N ALA A 47 6.42 5.41 3.00
CA ALA A 47 6.03 4.02 3.16
C ALA A 47 7.28 3.15 3.01
N ALA A 48 7.99 2.94 4.12
CA ALA A 48 9.25 2.21 4.15
C ALA A 48 9.13 0.78 4.68
N ASN A 49 7.96 0.38 5.20
CA ASN A 49 7.80 -0.97 5.74
C ASN A 49 6.33 -1.32 5.55
N ILE A 50 6.02 -1.90 4.39
CA ILE A 50 4.63 -1.98 3.92
C ILE A 50 3.98 -3.24 4.50
N SER A 51 3.67 -3.17 5.79
CA SER A 51 3.02 -4.23 6.54
C SER A 51 2.25 -3.50 7.63
N TYR A 52 0.97 -3.26 7.40
CA TYR A 52 0.18 -2.32 8.17
C TYR A 52 -0.98 -3.03 8.87
N GLY A 53 -1.30 -2.60 10.06
CA GLY A 53 -2.38 -3.23 10.80
C GLY A 53 -1.91 -4.51 11.45
N ARG A 54 -2.87 -5.32 11.95
CA ARG A 54 -4.32 -5.19 11.93
C ARG A 54 -4.83 -4.32 13.06
N GLY A 55 -5.97 -3.67 12.84
CA GLY A 55 -6.67 -2.97 13.89
C GLY A 55 -8.17 -2.98 13.66
N SER A 56 -8.88 -2.35 14.59
CA SER A 56 -10.33 -2.34 14.61
C SER A 56 -10.87 -0.91 14.75
N SER A 57 -12.18 -0.79 14.56
CA SER A 57 -12.93 0.45 14.83
C SER A 57 -12.57 1.60 13.87
N ASP A 58 -12.33 1.25 12.60
CA ASP A 58 -12.24 2.15 11.45
C ASP A 58 -10.86 2.80 11.31
N VAL A 59 -10.18 2.60 10.18
CA VAL A 59 -8.84 3.16 10.04
C VAL A 59 -8.87 4.68 10.11
N ALA A 60 -9.98 5.28 9.69
CA ALA A 60 -10.06 6.73 9.48
C ALA A 60 -10.45 7.48 10.75
N LYS A 61 -10.67 6.77 11.86
N LYS A 61 -10.68 6.80 11.86
CA LYS A 61 -11.05 7.37 13.13
CA LYS A 61 -11.09 7.47 13.09
C LYS A 61 -9.84 7.54 14.05
C LYS A 61 -9.95 7.50 14.10
N GLY A 62 -9.89 8.59 14.86
CA GLY A 62 -8.94 8.74 15.96
C GLY A 62 -7.52 8.57 15.51
N THR A 63 -6.77 7.79 16.28
CA THR A 63 -5.36 7.50 16.01
C THR A 63 -5.17 6.16 15.32
N HIS A 64 -6.22 5.62 14.71
CA HIS A 64 -6.10 4.30 14.10
C HIS A 64 -5.14 4.29 12.92
N LEU A 65 -5.06 5.38 12.14
CA LEU A 65 -4.14 5.41 11.02
C LEU A 65 -2.71 5.30 11.51
N GLN A 66 -2.40 6.05 12.57
CA GLN A 66 -1.06 6.01 13.17
C GLN A 66 -0.70 4.59 13.59
N GLU A 67 -1.65 3.92 14.24
CA GLU A 67 -1.42 2.56 14.70
C GLU A 67 -1.19 1.63 13.51
N PHE A 68 -2.02 1.78 12.49
CA PHE A 68 -1.94 0.98 11.27
C PHE A 68 -0.59 1.13 10.59
N LEU A 69 -0.12 2.37 10.43
CA LEU A 69 1.13 2.63 9.73
C LEU A 69 2.35 2.29 10.56
N GLY A 70 2.20 2.23 11.90
CA GLY A 70 3.27 1.79 12.77
C GLY A 70 4.56 2.53 12.55
N SER A 71 5.63 1.75 12.20
CA SER A 71 6.96 2.28 11.96
C SER A 71 7.00 3.39 10.92
N ASP A 72 6.01 3.53 10.05
CA ASP A 72 5.97 4.60 9.06
C ASP A 72 5.21 5.83 9.55
N ALA A 73 4.46 5.74 10.65
CA ALA A 73 3.65 6.86 11.10
C ALA A 73 4.45 8.09 11.53
N SER A 74 5.72 7.92 11.92
CA SER A 74 6.51 9.08 12.36
C SER A 74 6.80 10.03 11.22
N THR A 75 6.50 9.64 9.98
CA THR A 75 6.70 10.50 8.82
C THR A 75 5.41 11.16 8.35
N LEU A 76 4.32 11.02 9.09
CA LEU A 76 3.07 11.68 8.72
C LEU A 76 3.22 13.19 8.70
N SER A 77 2.69 13.82 7.66
CA SER A 77 2.75 15.28 7.54
C SER A 77 1.78 15.98 8.47
N THR A 78 0.73 15.30 8.88
CA THR A 78 -0.30 15.84 9.74
C THR A 78 -1.06 14.66 10.32
N ASP A 79 -1.86 14.93 11.37
CA ASP A 79 -2.78 13.94 11.93
C ASP A 79 -4.16 14.23 11.33
N PRO A 80 -4.66 13.42 10.41
CA PRO A 80 -5.98 13.68 9.83
C PRO A 80 -7.06 13.69 10.90
N GLY A 81 -8.10 14.48 10.64
CA GLY A 81 -9.32 14.39 11.42
C GLY A 81 -10.09 13.12 11.13
N ASP A 82 -11.20 12.94 11.84
CA ASP A 82 -11.99 11.73 11.68
C ASP A 82 -12.70 11.70 10.33
N ASN A 83 -12.79 10.51 9.78
CA ASN A 83 -13.67 10.18 8.64
C ASN A 83 -14.22 8.79 8.89
N THR A 84 -15.23 8.37 8.10
CA THR A 84 -15.75 7.02 8.26
C THR A 84 -14.93 6.01 7.48
N ASP A 85 -14.41 6.39 6.32
CA ASP A 85 -13.75 5.53 5.37
C ASP A 85 -12.41 6.16 4.99
N GLY A 86 -11.43 5.37 4.58
CA GLY A 86 -10.18 5.97 4.16
C GLY A 86 -9.27 4.94 3.53
N GLY A 87 -8.17 5.43 2.94
CA GLY A 87 -7.23 4.52 2.33
C GLY A 87 -5.94 5.22 1.95
N ILE A 88 -5.03 4.44 1.35
CA ILE A 88 -3.71 4.93 1.01
C ILE A 88 -3.43 4.70 -0.46
N TYR A 89 -2.61 5.59 -1.03
CA TYR A 89 -2.07 5.51 -2.37
C TYR A 89 -0.55 5.63 -2.22
N LEU A 90 0.17 4.60 -2.66
CA LEU A 90 1.63 4.55 -2.57
C LEU A 90 2.19 4.52 -3.97
N GLN A 91 3.29 5.23 -4.23
CA GLN A 91 3.93 5.16 -5.53
C GLN A 91 5.43 5.39 -5.42
N GLY A 92 6.18 4.72 -6.27
CA GLY A 92 7.62 4.87 -6.34
C GLY A 92 8.23 3.74 -7.11
N TYR A 93 9.33 3.20 -6.60
CA TYR A 93 10.11 2.19 -7.30
C TYR A 93 10.52 1.08 -6.35
N VAL A 94 10.71 -0.10 -6.92
CA VAL A 94 11.15 -1.28 -6.18
C VAL A 94 12.23 -2.00 -6.98
N TYR A 95 13.35 -2.31 -6.35
CA TYR A 95 14.43 -3.00 -7.04
C TYR A 95 14.08 -4.48 -7.16
N LEU A 96 14.00 -4.98 -8.41
CA LEU A 96 13.77 -6.39 -8.69
C LEU A 96 14.68 -6.81 -9.82
N GLU A 97 15.35 -7.95 -9.63
CA GLU A 97 16.07 -8.58 -10.73
C GLU A 97 15.09 -9.19 -11.73
N ALA A 98 15.54 -9.33 -12.97
CA ALA A 98 14.72 -10.00 -13.97
C ALA A 98 14.35 -11.39 -13.49
N GLY A 99 13.12 -11.82 -13.77
CA GLY A 99 12.67 -13.12 -13.33
C GLY A 99 11.17 -13.11 -13.08
N THR A 100 10.70 -14.16 -12.41
CA THR A 100 9.28 -14.37 -12.14
C THR A 100 8.98 -14.15 -10.67
N TYR A 101 7.85 -13.53 -10.39
CA TYR A 101 7.44 -13.16 -9.05
C TYR A 101 5.93 -13.35 -8.88
N ASN A 102 5.47 -13.42 -7.63
CA ASN A 102 4.03 -13.30 -7.38
C ASN A 102 3.80 -12.70 -6.00
N PHE A 103 2.72 -11.92 -5.90
CA PHE A 103 2.28 -11.39 -4.62
C PHE A 103 1.39 -12.36 -3.88
N LYS A 104 1.41 -12.25 -2.55
CA LYS A 104 0.46 -12.89 -1.65
C LYS A 104 0.09 -11.82 -0.64
N VAL A 105 -1.17 -11.41 -0.62
CA VAL A 105 -1.58 -10.19 0.06
C VAL A 105 -2.66 -10.53 1.09
N THR A 106 -2.46 -10.06 2.32
CA THR A 106 -3.46 -10.13 3.38
C THR A 106 -4.07 -8.75 3.52
N ALA A 107 -5.40 -8.66 3.44
CA ALA A 107 -6.02 -7.34 3.44
C ALA A 107 -7.46 -7.37 3.93
N ASP A 108 -7.85 -6.24 4.50
CA ASP A 108 -9.23 -5.81 4.76
C ASP A 108 -9.14 -4.30 4.63
N ASP A 109 -9.76 -3.64 3.64
CA ASP A 109 -10.68 -4.19 2.63
C ASP A 109 -9.89 -4.55 1.37
N GLY A 110 -10.14 -3.92 0.22
CA GLY A 110 -9.54 -4.28 -1.03
C GLY A 110 -8.29 -3.46 -1.37
N TYR A 111 -7.75 -3.73 -2.56
CA TYR A 111 -6.47 -3.16 -2.95
C TYR A 111 -6.21 -3.40 -4.43
N GLU A 112 -5.23 -2.66 -4.94
CA GLU A 112 -4.68 -2.97 -6.25
C GLU A 112 -3.21 -2.56 -6.27
N ILE A 113 -2.36 -3.46 -6.77
CA ILE A 113 -0.94 -3.20 -6.93
C ILE A 113 -0.63 -3.32 -8.41
N THR A 114 0.12 -2.34 -8.92
CA THR A 114 0.60 -2.36 -10.28
C THR A 114 2.11 -2.24 -10.32
N ILE A 115 2.71 -2.90 -11.30
CA ILE A 115 4.15 -2.81 -11.55
C ILE A 115 4.34 -2.48 -13.02
N ASN A 116 5.14 -1.45 -13.27
CA ASN A 116 5.34 -0.95 -14.61
C ASN A 116 4.02 -0.73 -15.33
N GLY A 117 3.03 -0.22 -14.57
CA GLY A 117 1.73 0.14 -15.09
C GLY A 117 0.71 -0.98 -15.16
N ASN A 118 1.11 -2.24 -14.91
CA ASN A 118 0.23 -3.38 -15.11
C ASN A 118 -0.23 -3.94 -13.79
N PRO A 119 -1.53 -4.18 -13.62
CA PRO A 119 -1.98 -4.78 -12.35
C PRO A 119 -1.39 -6.16 -12.16
N VAL A 120 -0.91 -6.41 -10.95
CA VAL A 120 -0.33 -7.69 -10.56
C VAL A 120 -1.00 -8.26 -9.30
N ALA A 121 -1.87 -7.49 -8.64
CA ALA A 121 -2.64 -8.02 -7.51
C ALA A 121 -3.85 -7.14 -7.32
N THR A 122 -5.05 -7.71 -7.42
CA THR A 122 -6.29 -6.93 -7.40
C THR A 122 -7.32 -7.63 -6.52
N VAL A 123 -7.94 -6.88 -5.60
CA VAL A 123 -9.20 -7.26 -4.94
C VAL A 123 -10.11 -6.05 -5.04
N ASP A 124 -11.14 -6.15 -5.89
CA ASP A 124 -12.00 -5.03 -6.25
C ASP A 124 -13.30 -5.03 -5.47
N ASN A 125 -13.22 -5.22 -4.16
CA ASN A 125 -14.41 -5.29 -3.32
C ASN A 125 -13.97 -5.21 -1.86
N ASN A 126 -14.95 -4.99 -0.99
CA ASN A 126 -14.74 -5.03 0.45
C ASN A 126 -14.65 -6.47 0.91
N GLN A 127 -13.94 -6.68 2.01
CA GLN A 127 -13.77 -8.02 2.58
C GLN A 127 -13.21 -7.91 3.99
N SER A 128 -13.71 -8.78 4.88
N SER A 128 -13.70 -8.78 4.87
CA SER A 128 -12.98 -9.03 6.12
CA SER A 128 -12.98 -9.05 6.11
C SER A 128 -11.67 -9.75 5.79
C SER A 128 -11.64 -9.70 5.76
N VAL A 129 -10.75 -9.77 6.75
CA VAL A 129 -9.37 -10.16 6.48
C VAL A 129 -9.29 -11.43 5.67
N TYR A 130 -8.51 -11.39 4.59
CA TYR A 130 -8.36 -12.53 3.73
C TYR A 130 -7.01 -12.43 3.04
N THR A 131 -6.40 -13.58 2.78
CA THR A 131 -5.10 -13.67 2.10
C THR A 131 -5.29 -14.34 0.75
N VAL A 132 -4.89 -13.64 -0.31
CA VAL A 132 -4.93 -14.13 -1.67
C VAL A 132 -3.51 -14.35 -2.17
N THR A 133 -3.24 -15.52 -2.73
CA THR A 133 -2.04 -15.80 -3.50
C THR A 133 -2.35 -15.47 -4.95
N HIS A 134 -1.69 -14.44 -5.49
CA HIS A 134 -1.95 -13.93 -6.81
C HIS A 134 -1.08 -14.63 -7.86
N ALA A 135 -1.51 -14.51 -9.10
CA ALA A 135 -0.82 -15.12 -10.23
C ALA A 135 0.55 -14.48 -10.45
N SER A 136 1.44 -15.25 -11.05
CA SER A 136 2.79 -14.77 -11.26
C SER A 136 2.84 -13.75 -12.40
N PHE A 137 3.92 -12.98 -12.37
CA PHE A 137 4.24 -12.02 -13.41
C PHE A 137 5.76 -12.04 -13.62
N THR A 138 6.19 -11.49 -14.74
CA THR A 138 7.61 -11.45 -15.06
C THR A 138 8.13 -10.02 -15.11
N ILE A 139 9.40 -9.89 -14.73
CA ILE A 139 10.18 -8.68 -14.85
C ILE A 139 11.24 -8.96 -15.91
N SER A 140 11.27 -8.13 -16.95
CA SER A 140 12.17 -8.42 -18.07
C SER A 140 13.57 -7.86 -17.91
N GLU A 141 13.76 -6.77 -17.13
CA GLU A 141 15.08 -6.16 -17.02
C GLU A 141 15.33 -5.81 -15.56
N SER A 142 16.47 -6.24 -15.03
CA SER A 142 16.79 -5.96 -13.65
C SER A 142 16.90 -4.47 -13.40
N GLY A 143 16.45 -4.04 -12.24
CA GLY A 143 16.59 -2.65 -11.83
C GLY A 143 15.40 -2.18 -11.03
N TYR A 144 15.32 -0.87 -10.87
CA TYR A 144 14.18 -0.27 -10.20
C TYR A 144 12.98 -0.29 -11.12
N GLN A 145 11.91 -0.97 -10.70
CA GLN A 145 10.65 -1.06 -11.42
C GLN A 145 9.67 -0.06 -10.83
N ALA A 146 8.84 0.54 -11.67
CA ALA A 146 7.79 1.40 -11.14
C ALA A 146 6.75 0.55 -10.44
N ILE A 147 6.26 1.04 -9.31
CA ILE A 147 5.24 0.33 -8.54
C ILE A 147 4.28 1.35 -7.95
N ASP A 148 3.00 0.99 -7.91
CA ASP A 148 2.04 1.74 -7.12
C ASP A 148 1.06 0.78 -6.47
N MET A 149 0.44 1.28 -5.40
CA MET A 149 -0.52 0.50 -4.64
C MET A 149 -1.65 1.42 -4.19
N ILE A 150 -2.86 0.89 -4.16
CA ILE A 150 -3.96 1.46 -3.40
C ILE A 150 -4.51 0.39 -2.47
N TRP A 151 -5.02 0.84 -1.33
CA TRP A 151 -5.68 0.00 -0.33
C TRP A 151 -6.71 0.89 0.35
N TRP A 152 -7.83 0.32 0.77
CA TRP A 152 -8.76 1.13 1.56
C TRP A 152 -9.45 0.28 2.61
N ASP A 153 -10.08 1.00 3.55
CA ASP A 153 -10.96 0.48 4.58
C ASP A 153 -12.31 1.18 4.44
N GLN A 154 -13.37 0.38 4.27
N GLN A 154 -13.38 0.39 4.28
CA GLN A 154 -14.74 0.90 4.28
CA GLN A 154 -14.75 0.92 4.28
C GLN A 154 -15.24 1.15 5.70
C GLN A 154 -15.29 1.08 5.69
N GLY A 155 -14.54 0.64 6.70
CA GLY A 155 -14.97 0.66 8.07
C GLY A 155 -14.69 -0.68 8.73
N GLY A 156 -14.72 -0.68 10.05
CA GLY A 156 -14.53 -1.90 10.82
C GLY A 156 -13.04 -2.22 11.03
N ASP A 157 -12.65 -3.45 10.73
N ASP A 157 -12.66 -3.45 10.73
CA ASP A 157 -11.27 -3.88 10.83
CA ASP A 157 -11.26 -3.86 10.85
C ASP A 157 -10.49 -3.45 9.59
C ASP A 157 -10.49 -3.45 9.59
N TYR A 158 -9.17 -3.51 9.69
CA TYR A 158 -8.30 -3.06 8.61
C TYR A 158 -6.93 -3.72 8.76
N VAL A 159 -6.37 -4.14 7.64
CA VAL A 159 -5.02 -4.71 7.58
C VAL A 159 -4.57 -4.65 6.13
N PHE A 160 -3.24 -4.49 5.92
CA PHE A 160 -2.70 -4.52 4.56
C PHE A 160 -1.25 -4.99 4.61
N GLN A 161 -1.01 -6.19 4.09
CA GLN A 161 0.35 -6.75 4.05
C GLN A 161 0.57 -7.47 2.72
N PRO A 162 1.00 -6.72 1.71
N PRO A 162 1.17 -6.75 1.72
CA PRO A 162 1.50 -7.37 0.50
CA PRO A 162 1.41 -7.36 0.41
C PRO A 162 2.83 -8.03 0.84
C PRO A 162 2.82 -7.94 0.23
N THR A 163 2.97 -9.25 0.40
CA THR A 163 4.27 -9.91 0.40
C THR A 163 4.54 -10.38 -1.02
N LEU A 164 5.82 -10.57 -1.33
CA LEU A 164 6.26 -10.91 -2.68
C LEU A 164 7.20 -12.11 -2.63
N SER A 165 7.05 -13.03 -3.59
CA SER A 165 7.93 -14.17 -3.72
C SER A 165 8.67 -14.11 -5.04
N ALA A 166 9.96 -14.42 -4.99
CA ALA A 166 10.84 -14.53 -6.14
C ALA A 166 11.20 -15.99 -6.43
N ASP A 167 10.69 -16.95 -5.68
CA ASP A 167 11.13 -18.33 -5.75
C ASP A 167 9.95 -19.28 -5.88
N GLY A 168 8.94 -18.87 -6.61
CA GLY A 168 7.83 -19.73 -6.91
C GLY A 168 6.93 -20.00 -5.74
N GLY A 169 6.84 -19.06 -4.80
CA GLY A 169 5.94 -19.19 -3.69
C GLY A 169 6.47 -19.95 -2.51
N SER A 170 7.75 -20.28 -2.49
N SER A 170 7.79 -20.24 -2.47
CA SER A 170 8.29 -20.96 -1.31
CA SER A 170 8.38 -20.96 -1.35
C SER A 170 8.53 -19.97 -0.17
C SER A 170 8.73 -20.04 -0.19
N THR A 171 9.10 -18.81 -0.48
CA THR A 171 9.35 -17.79 0.53
C THR A 171 8.81 -16.46 0.03
N TYR A 172 8.38 -15.63 0.96
CA TYR A 172 7.81 -14.32 0.66
C TYR A 172 8.48 -13.30 1.58
N PHE A 173 8.59 -12.07 1.06
CA PHE A 173 9.14 -10.96 1.83
C PHE A 173 8.22 -9.74 1.77
N VAL A 174 8.29 -8.93 2.82
CA VAL A 174 7.66 -7.61 2.87
C VAL A 174 8.49 -6.64 2.04
N LEU A 175 7.83 -5.71 1.37
CA LEU A 175 8.48 -4.63 0.66
C LEU A 175 8.85 -3.54 1.67
N ASP A 176 10.15 -3.28 1.80
CA ASP A 176 10.65 -2.37 2.81
C ASP A 176 11.90 -1.66 2.29
N SER A 177 12.57 -0.97 3.21
CA SER A 177 13.70 -0.12 2.85
C SER A 177 14.85 -0.87 2.19
N ALA A 178 14.91 -2.20 2.25
CA ALA A 178 15.97 -2.91 1.55
C ALA A 178 15.92 -2.69 0.04
N ILE A 179 14.73 -2.50 -0.54
CA ILE A 179 14.56 -2.51 -1.99
C ILE A 179 13.71 -1.36 -2.55
N LEU A 180 13.08 -0.56 -1.69
CA LEU A 180 12.22 0.53 -2.16
C LEU A 180 13.02 1.81 -2.37
N SER A 181 12.59 2.59 -3.36
CA SER A 181 13.16 3.91 -3.63
C SER A 181 12.06 4.86 -4.04
N SER A 182 12.07 6.06 -3.48
CA SER A 182 11.00 7.00 -3.78
C SER A 182 11.11 7.58 -5.19
N THR A 183 12.32 7.68 -5.75
CA THR A 183 12.55 8.35 -7.03
C THR A 183 13.17 7.46 -8.09
N GLY A 184 13.65 6.27 -7.74
CA GLY A 184 14.39 5.43 -8.65
C GLY A 184 15.89 5.58 -8.57
N GLU A 185 16.39 6.54 -7.81
CA GLU A 185 17.80 6.62 -7.48
C GLU A 185 18.08 5.72 -6.27
N THR A 186 19.35 5.36 -6.11
CA THR A 186 19.72 4.44 -5.04
C THR A 186 19.70 5.18 -3.72
N PRO A 187 18.93 4.74 -2.72
CA PRO A 187 18.95 5.44 -1.42
C PRO A 187 20.09 4.93 -0.55
N TYR A 188 20.75 5.87 0.13
CA TYR A 188 21.78 5.63 1.15
C TYR A 188 21.35 6.34 2.45
N THR A 189 20.29 5.84 3.05
CA THR A 189 19.67 6.55 4.17
C THR A 189 19.66 5.69 5.44
C4 UZJ B . -14.83 -5.54 6.44
C4 UZJ B . -14.82 -5.54 6.44
C5 UZJ B . -16.03 -6.28 5.90
C5 UZJ B . -16.05 -6.18 5.85
C1 UZJ B . -17.28 -5.19 7.75
C1 UZJ B . -17.26 -5.55 7.85
C2 UZJ B . -15.99 -4.96 8.51
C2 UZJ B . -16.02 -4.88 8.42
C3 UZJ B . -14.79 -5.52 7.90
C3 UZJ B . -14.80 -5.46 7.91
O1 UZJ B . -18.40 -5.52 8.42
O1 UZJ B . -17.34 -6.85 8.23
O3 UZJ B . -13.60 -4.84 8.38
O3 UZJ B . -13.59 -4.82 8.37
O4 UZJ B . -14.74 -4.24 5.92
O4 UZJ B . -14.73 -4.22 5.91
O5 UZJ B . -17.23 -5.61 6.38
O5 UZJ B . -17.23 -5.55 6.42
H41 UZJ B . -14.04 -6.03 6.14
H41 UZJ B . -14.04 -6.04 6.15
H51 UZJ B . -16.01 -6.26 4.93
H51 UZJ B . -16.05 -6.06 4.88
H52 UZJ B . -16.02 -7.21 6.21
H52 UZJ B . -16.05 -7.13 6.06
H11 UZJ B . -17.48 -4.26 7.59
H11 UZJ B . -18.05 -5.08 8.16
H22 UZJ B . -15.87 -4.02 8.61
H22 UZJ B . -16.04 -3.94 8.19
H23 UZJ B . -16.09 -5.37 9.39
H23 UZJ B . -16.02 -4.97 9.39
H31 UZJ B . -14.73 -6.44 8.19
H31 UZJ B . -14.78 -6.27 8.34
H12 UZJ B . -18.37 -6.33 8.64
H12 UZJ B . -18.10 -6.99 8.59
H32 UZJ B . -13.11 -5.50 8.56
H32 UZJ B . -13.11 -5.50 8.56
H42 UZJ B . -13.98 -4.49 5.81
H42 UZJ B . -13.97 -4.49 5.82
CA CA C . -12.76 -2.89 6.90
CA CA D . -6.68 11.29 13.45
CA CA E . -18.09 2.98 4.99
CA CA F . -5.20 13.97 -5.09
CA CA G . 9.38 5.43 12.29
C1 EDO H . -1.09 7.11 18.23
O1 EDO H . -1.72 7.82 19.29
C2 EDO H . -0.05 8.03 17.59
O2 EDO H . 1.22 7.43 17.41
H11 EDO H . -1.84 6.80 17.48
H12 EDO H . -0.62 6.20 18.60
HO1 EDO H . -2.37 7.24 19.72
H21 EDO H . 0.06 8.91 18.22
H22 EDO H . -0.42 8.36 16.62
HO2 EDO H . 1.85 7.84 18.02
C1 EDO I . -13.86 13.26 0.94
O1 EDO I . -14.95 12.83 0.12
C2 EDO I . -13.79 14.77 1.06
O2 EDO I . -13.20 15.11 2.32
H11 EDO I . -12.92 12.88 0.52
H12 EDO I . -13.97 12.82 1.93
HO1 EDO I . -14.97 11.86 0.08
H21 EDO I . -14.79 15.20 0.99
H22 EDO I . -13.19 15.19 0.24
HO2 EDO I . -13.13 16.07 2.41
C1 EDO J . -4.87 6.88 -7.88
O1 EDO J . -5.63 6.22 -8.89
C2 EDO J . -3.74 7.68 -8.50
O2 EDO J . -4.27 8.55 -9.51
H11 EDO J . -4.46 6.14 -7.18
H12 EDO J . -5.53 7.54 -7.31
HO1 EDO J . -6.44 5.85 -8.51
H21 EDO J . -3.00 7.01 -8.94
H22 EDO J . -3.23 8.27 -7.73
HO2 EDO J . -3.57 9.12 -9.85
C1 EDO K . -2.67 -10.73 -11.85
O1 EDO K . -3.57 -10.17 -10.89
C2 EDO K . -1.51 -11.43 -11.13
O2 EDO K . -0.25 -10.99 -11.64
H11 EDO K . -2.27 -9.94 -12.49
H12 EDO K . -3.19 -11.44 -12.49
HO1 EDO K . -4.30 -9.74 -11.36
H21 EDO K . -1.61 -12.51 -11.26
H22 EDO K . -1.57 -11.22 -10.06
HO2 EDO K . 0.47 -11.45 -11.17
#